data_3CVL
#
_entry.id   3CVL
#
_cell.length_a   44.390
_cell.length_b   66.360
_cell.length_c   49.680
_cell.angle_alpha   90.00
_cell.angle_beta   105.13
_cell.angle_gamma   90.00
#
_symmetry.space_group_name_H-M   'P 1 21 1'
#
loop_
_entity.id
_entity.type
_entity.pdbx_description
1 polymer 'Peroxisome targeting signal 1 receptor PEX5'
2 polymer 'T. brucei PFK PTS1 peptide Ac-HEELAKL'
3 water water
#
loop_
_entity_poly.entity_id
_entity_poly.type
_entity_poly.pdbx_seq_one_letter_code
_entity_poly.pdbx_strand_id
1 'polypeptide(L)'
;GHMLQNNTDYPFEANNPYMYHENPMEEGLSMLKLANLAEAALAFEAVCQAAPEREEAWRSLGLTQAENEKDGLAIIALNH
ARMLDPKDIAVHAALAVSHTNEHNANAALASLRAWLLSQPQYEQLGSVNLQADVDIDDLNVQSEDFFFAAPNEYRECRTL
LHAALEMNPNDAQLHASLGVLYNLSNNYDSAAANLRRAVELRPDDAQLWNKLGATLANGNRPQEALDAYNRALDINPGYV
RVMYNMAVSYSNMSQYDLAAKQLVRAIYMQVGGTTPTGEASREATRSMWDFFRMLLNVMNRPDLVELTYAQNVEPFAKEF
GLQSMLL
;
A
2 'polypeptide(L)' HEELAKL B
#
# COMPACT_ATOMS: atom_id res chain seq x y z
N THR A 8 -0.73 -19.61 12.24
CA THR A 8 -0.35 -20.63 11.20
C THR A 8 -0.98 -20.32 9.85
N ASP A 9 -1.79 -19.27 9.76
CA ASP A 9 -2.37 -18.81 8.48
C ASP A 9 -1.54 -17.67 7.87
N TYR A 10 -0.63 -17.14 8.66
CA TYR A 10 0.22 -16.04 8.23
C TYR A 10 1.63 -16.63 8.03
N PRO A 11 2.21 -16.48 6.84
CA PRO A 11 3.50 -17.09 6.51
C PRO A 11 4.68 -16.31 7.12
N PHE A 12 4.83 -16.44 8.43
CA PHE A 12 5.93 -15.81 9.15
C PHE A 12 7.27 -16.12 8.51
N GLU A 13 8.10 -15.10 8.46
CA GLU A 13 9.42 -15.16 7.87
C GLU A 13 10.32 -15.96 8.82
N ALA A 14 10.99 -16.99 8.32
CA ALA A 14 11.82 -17.87 9.16
C ALA A 14 13.07 -17.15 9.67
N ASN A 15 13.75 -16.41 8.80
CA ASN A 15 14.98 -15.73 9.17
CA ASN A 15 14.99 -15.71 9.14
C ASN A 15 14.69 -14.35 9.79
N ASN A 16 14.39 -14.36 11.10
CA ASN A 16 13.94 -13.16 11.78
C ASN A 16 14.71 -12.82 13.07
N PRO A 17 15.67 -11.88 13.00
CA PRO A 17 16.46 -11.56 14.20
C PRO A 17 15.66 -10.85 15.29
N TYR A 18 14.70 -10.37 14.95
CA TYR A 18 13.73 -9.73 15.83
C TYR A 18 12.99 -10.73 16.71
N MET A 19 12.91 -11.84 16.55
CA MET A 19 12.35 -12.84 17.45
C MET A 19 13.16 -12.93 18.74
N TYR A 20 14.45 -12.68 18.64
CA TYR A 20 15.35 -12.75 19.78
C TYR A 20 15.16 -11.54 20.70
N HIS A 21 14.76 -10.42 20.12
CA HIS A 21 14.82 -9.13 20.79
C HIS A 21 13.84 -9.08 21.97
N GLU A 22 13.91 -8.00 22.74
CA GLU A 22 13.14 -7.89 23.96
C GLU A 22 11.89 -7.05 23.75
N ASN A 23 11.97 -6.12 22.82
CA ASN A 23 10.96 -5.11 22.61
CA ASN A 23 10.88 -5.16 22.59
C ASN A 23 10.77 -4.80 21.12
N PRO A 24 10.42 -5.80 20.32
CA PRO A 24 10.43 -5.68 18.85
C PRO A 24 9.34 -4.75 18.35
N MET A 25 8.36 -4.45 19.21
CA MET A 25 7.23 -3.61 18.81
C MET A 25 7.62 -2.14 18.79
N GLU A 26 8.16 -1.64 19.90
CA GLU A 26 8.73 -0.29 19.95
C GLU A 26 9.78 -0.08 18.85
N GLU A 27 10.57 -1.12 18.57
CA GLU A 27 11.57 -1.06 17.51
C GLU A 27 10.91 -0.99 16.15
N GLY A 28 9.94 -1.87 15.89
CA GLY A 28 9.10 -1.82 14.71
C GLY A 28 8.52 -0.42 14.45
N LEU A 29 7.94 0.17 15.48
CA LEU A 29 7.40 1.52 15.39
C LEU A 29 8.46 2.58 15.08
N SER A 30 9.69 2.42 15.60
CA SER A 30 10.80 3.34 15.27
C SER A 30 11.18 3.16 13.80
N MET A 31 11.27 1.92 13.37
CA MET A 31 11.70 1.63 12.02
C MET A 31 10.71 2.06 10.95
N LEU A 32 9.44 2.17 11.30
CA LEU A 32 8.45 2.71 10.35
C LEU A 32 8.87 4.06 9.76
N LYS A 33 9.68 4.82 10.50
CA LYS A 33 10.13 6.14 10.07
C LYS A 33 11.60 6.21 9.73
N LEU A 34 12.45 5.37 10.34
CA LEU A 34 13.92 5.60 10.39
C LEU A 34 14.84 4.54 9.77
N ALA A 35 14.29 3.38 9.37
CA ALA A 35 15.04 2.35 8.65
C ALA A 35 14.16 1.96 7.48
N ASN A 36 13.14 1.17 7.76
CA ASN A 36 11.82 1.35 7.12
C ASN A 36 11.13 -0.01 6.92
N LEU A 37 10.30 -0.17 5.88
CA LEU A 37 9.11 -1.03 5.98
C LEU A 37 9.36 -2.53 6.18
N ALA A 38 10.19 -3.13 5.34
CA ALA A 38 10.60 -4.56 5.44
C ALA A 38 11.09 -4.97 6.81
N GLU A 39 11.94 -4.13 7.41
CA GLU A 39 12.51 -4.37 8.73
C GLU A 39 11.44 -4.12 9.80
N ALA A 40 10.70 -3.02 9.67
CA ALA A 40 9.61 -2.76 10.60
C ALA A 40 8.61 -3.93 10.58
N ALA A 41 8.27 -4.46 9.39
CA ALA A 41 7.36 -5.61 9.30
C ALA A 41 7.90 -6.84 10.07
N LEU A 42 9.20 -7.05 10.01
CA LEU A 42 9.83 -8.22 10.66
C LEU A 42 9.65 -8.16 12.19
N ALA A 43 9.94 -7.00 12.73
CA ALA A 43 9.69 -6.62 14.11
C ALA A 43 8.25 -6.88 14.57
N PHE A 44 7.28 -6.43 13.78
CA PHE A 44 5.87 -6.66 14.06
C PHE A 44 5.59 -8.19 13.94
N GLU A 45 6.17 -8.81 12.93
CA GLU A 45 6.04 -10.27 12.79
C GLU A 45 6.45 -10.99 14.05
N ALA A 46 7.53 -10.52 14.66
CA ALA A 46 8.05 -11.10 15.90
C ALA A 46 7.07 -10.89 17.05
N VAL A 47 6.48 -9.70 17.15
CA VAL A 47 5.49 -9.45 18.18
C VAL A 47 4.24 -10.35 18.01
N CYS A 48 3.83 -10.63 16.78
CA CYS A 48 2.59 -11.39 16.52
C CYS A 48 2.77 -12.87 16.89
N GLN A 49 3.96 -13.38 16.64
CA GLN A 49 4.30 -14.72 17.02
C GLN A 49 4.30 -14.86 18.51
N ALA A 50 4.81 -13.84 19.21
CA ALA A 50 5.01 -13.89 20.65
C ALA A 50 3.74 -13.62 21.42
N ALA A 51 3.03 -12.58 21.01
CA ALA A 51 1.77 -12.22 21.65
C ALA A 51 0.70 -12.07 20.54
N PRO A 52 0.15 -13.21 20.06
CA PRO A 52 -0.82 -13.24 18.97
C PRO A 52 -2.06 -12.41 19.23
N GLU A 53 -2.31 -12.10 20.51
CA GLU A 53 -3.49 -11.38 20.93
C GLU A 53 -3.30 -9.86 20.88
N ARG A 54 -2.06 -9.40 20.63
CA ARG A 54 -1.85 -7.96 20.49
C ARG A 54 -2.37 -7.47 19.17
N GLU A 55 -3.57 -6.93 19.21
CA GLU A 55 -4.21 -6.37 18.03
C GLU A 55 -3.30 -5.38 17.33
N GLU A 56 -2.60 -4.53 18.06
CA GLU A 56 -1.81 -3.46 17.45
C GLU A 56 -0.54 -3.95 16.77
N ALA A 57 -0.08 -5.12 17.20
CA ALA A 57 0.99 -5.85 16.50
C ALA A 57 0.52 -6.33 15.11
N TRP A 58 -0.69 -6.86 15.04
CA TRP A 58 -1.25 -7.31 13.76
C TRP A 58 -1.56 -6.14 12.88
N ARG A 59 -2.10 -5.08 13.47
CA ARG A 59 -2.50 -3.87 12.73
C ARG A 59 -1.33 -3.19 12.06
N SER A 60 -0.34 -2.81 12.85
CA SER A 60 0.90 -2.26 12.30
C SER A 60 1.54 -3.17 11.24
N LEU A 61 1.56 -4.48 11.45
CA LEU A 61 2.12 -5.38 10.43
C LEU A 61 1.37 -5.30 9.10
N GLY A 62 0.06 -5.19 9.18
CA GLY A 62 -0.77 -5.22 8.02
C GLY A 62 -0.61 -3.96 7.21
N LEU A 63 -0.64 -2.80 7.88
CA LEU A 63 -0.45 -1.53 7.20
CA LEU A 63 -0.43 -1.50 7.23
C LEU A 63 0.95 -1.44 6.59
N THR A 64 1.95 -1.94 7.32
CA THR A 64 3.34 -1.94 6.84
C THR A 64 3.50 -2.80 5.60
N GLN A 65 2.91 -4.00 5.63
CA GLN A 65 2.94 -4.87 4.47
C GLN A 65 2.26 -4.28 3.22
N ALA A 66 1.10 -3.69 3.39
CA ALA A 66 0.43 -3.03 2.27
C ALA A 66 1.36 -1.95 1.71
N GLU A 67 1.86 -1.04 2.55
CA GLU A 67 2.89 -0.06 2.14
C GLU A 67 4.13 -0.69 1.49
N ASN A 68 4.45 -1.93 1.85
CA ASN A 68 5.55 -2.67 1.21
C ASN A 68 5.14 -3.53 0.01
N GLU A 69 3.99 -3.20 -0.57
CA GLU A 69 3.51 -3.84 -1.78
C GLU A 69 3.11 -5.31 -1.59
N LYS A 70 2.47 -5.63 -0.46
CA LYS A 70 2.04 -7.02 -0.19
C LYS A 70 0.65 -7.04 0.41
N ASP A 71 -0.36 -6.76 -0.40
CA ASP A 71 -1.74 -6.77 0.07
C ASP A 71 -2.18 -8.15 0.64
N GLY A 72 -1.75 -9.21 0.00
CA GLY A 72 -1.94 -10.57 0.52
C GLY A 72 -1.67 -10.66 1.99
N LEU A 73 -0.44 -10.39 2.37
CA LEU A 73 -0.05 -10.54 3.76
C LEU A 73 -0.74 -9.49 4.62
N ALA A 74 -0.89 -8.27 4.09
CA ALA A 74 -1.62 -7.21 4.77
C ALA A 74 -2.96 -7.72 5.22
N ILE A 75 -3.69 -8.32 4.29
CA ILE A 75 -5.06 -8.78 4.52
C ILE A 75 -5.08 -9.84 5.62
N ILE A 76 -4.21 -10.85 5.49
CA ILE A 76 -4.11 -11.91 6.49
C ILE A 76 -3.95 -11.28 7.86
N ALA A 77 -2.99 -10.36 7.96
CA ALA A 77 -2.67 -9.63 9.19
C ALA A 77 -3.84 -8.81 9.69
N LEU A 78 -4.44 -7.99 8.84
CA LEU A 78 -5.51 -7.08 9.29
C LEU A 78 -6.76 -7.82 9.73
N ASN A 79 -6.99 -9.00 9.20
CA ASN A 79 -8.15 -9.78 9.60
C ASN A 79 -8.03 -10.32 11.01
N HIS A 80 -6.79 -10.56 11.49
CA HIS A 80 -6.54 -10.87 12.91
C HIS A 80 -6.85 -9.66 13.80
N ALA A 81 -6.32 -8.52 13.44
CA ALA A 81 -6.58 -7.27 14.16
C ALA A 81 -8.04 -6.96 14.22
N ARG A 82 -8.73 -7.18 13.13
CA ARG A 82 -10.18 -6.95 13.03
C ARG A 82 -11.03 -7.88 13.93
N MET A 83 -10.56 -9.12 14.09
CA MET A 83 -11.21 -10.06 15.01
C MET A 83 -10.95 -9.62 16.45
N LEU A 84 -9.71 -9.19 16.72
CA LEU A 84 -9.27 -8.81 18.06
C LEU A 84 -9.80 -7.47 18.53
N ASP A 85 -9.98 -6.52 17.61
CA ASP A 85 -10.66 -5.27 17.94
C ASP A 85 -11.43 -4.74 16.76
N PRO A 86 -12.72 -5.08 16.68
CA PRO A 86 -13.55 -4.75 15.54
C PRO A 86 -13.94 -3.29 15.43
N LYS A 87 -13.48 -2.49 16.38
CA LYS A 87 -13.76 -1.07 16.39
C LYS A 87 -12.49 -0.32 16.02
N ASP A 88 -11.44 -1.03 15.62
CA ASP A 88 -10.23 -0.36 15.18
C ASP A 88 -10.49 0.12 13.77
N ILE A 89 -10.76 1.41 13.62
CA ILE A 89 -11.20 1.90 12.32
C ILE A 89 -10.04 1.88 11.31
N ALA A 90 -8.81 1.97 11.82
CA ALA A 90 -7.65 1.97 10.95
C ALA A 90 -7.53 0.64 10.21
N VAL A 91 -7.90 -0.46 10.88
CA VAL A 91 -7.81 -1.83 10.28
C VAL A 91 -8.86 -1.97 9.17
N HIS A 92 -10.07 -1.50 9.45
CA HIS A 92 -11.14 -1.48 8.44
C HIS A 92 -10.78 -0.65 7.22
N ALA A 93 -10.18 0.53 7.43
CA ALA A 93 -9.81 1.41 6.31
C ALA A 93 -8.76 0.73 5.45
N ALA A 94 -7.79 0.12 6.11
CA ALA A 94 -6.73 -0.62 5.42
C ALA A 94 -7.27 -1.83 4.71
N LEU A 95 -8.25 -2.50 5.31
CA LEU A 95 -8.85 -3.64 4.66
C LEU A 95 -9.53 -3.25 3.36
N ALA A 96 -10.22 -2.11 3.39
CA ALA A 96 -10.90 -1.61 2.22
C ALA A 96 -9.92 -1.31 1.10
N VAL A 97 -8.73 -0.82 1.45
CA VAL A 97 -7.71 -0.49 0.45
C VAL A 97 -7.08 -1.76 -0.18
N SER A 98 -6.56 -2.66 0.65
CA SER A 98 -6.03 -3.92 0.11
C SER A 98 -7.00 -4.76 -0.74
N HIS A 99 -8.22 -4.92 -0.27
CA HIS A 99 -9.25 -5.63 -1.03
C HIS A 99 -9.58 -4.91 -2.33
N THR A 100 -9.72 -3.59 -2.27
CA THR A 100 -9.93 -2.81 -3.48
C THR A 100 -8.83 -3.10 -4.48
N ASN A 101 -7.58 -3.09 -4.00
CA ASN A 101 -6.41 -3.42 -4.84
C ASN A 101 -6.45 -4.84 -5.39
N GLU A 102 -6.96 -5.78 -4.59
CA GLU A 102 -7.01 -7.23 -4.94
C GLU A 102 -8.31 -7.60 -5.63
N HIS A 103 -9.18 -6.62 -5.84
CA HIS A 103 -10.45 -6.80 -6.56
C HIS A 103 -11.33 -7.80 -5.88
N ASN A 104 -11.42 -7.68 -4.56
CA ASN A 104 -12.39 -8.42 -3.79
C ASN A 104 -13.45 -7.38 -3.46
N ALA A 105 -14.43 -7.23 -4.34
CA ALA A 105 -15.41 -6.13 -4.21
C ALA A 105 -16.24 -6.21 -2.93
N ASN A 106 -16.84 -7.38 -2.68
CA ASN A 106 -17.70 -7.57 -1.51
C ASN A 106 -17.03 -7.22 -0.18
N ALA A 107 -15.79 -7.66 -0.03
CA ALA A 107 -15.04 -7.40 1.18
C ALA A 107 -14.64 -5.93 1.24
N ALA A 108 -14.26 -5.36 0.11
CA ALA A 108 -13.84 -3.98 0.10
C ALA A 108 -15.00 -3.13 0.62
N LEU A 109 -16.20 -3.41 0.14
CA LEU A 109 -17.40 -2.66 0.53
C LEU A 109 -17.79 -2.91 2.00
N ALA A 110 -17.56 -4.14 2.48
CA ALA A 110 -17.87 -4.49 3.87
C ALA A 110 -16.85 -3.87 4.83
N SER A 111 -15.66 -3.60 4.33
CA SER A 111 -14.60 -2.97 5.12
C SER A 111 -14.89 -1.45 5.20
N LEU A 112 -15.25 -0.82 4.09
CA LEU A 112 -15.78 0.56 4.15
C LEU A 112 -17.03 0.78 5.03
N ARG A 113 -18.01 -0.11 4.95
CA ARG A 113 -19.17 -0.05 5.85
C ARG A 113 -18.78 -0.10 7.32
N ALA A 114 -18.04 -1.14 7.67
CA ALA A 114 -17.52 -1.33 9.00
C ALA A 114 -16.66 -0.18 9.43
N TRP A 115 -15.87 0.37 8.51
CA TRP A 115 -14.98 1.47 8.87
C TRP A 115 -15.84 2.61 9.39
N LEU A 116 -16.93 2.89 8.67
CA LEU A 116 -17.86 3.98 9.02
C LEU A 116 -18.64 3.73 10.30
N LEU A 117 -19.33 2.60 10.37
CA LEU A 117 -20.27 2.33 11.45
C LEU A 117 -19.58 1.94 12.78
N SER A 118 -18.27 1.75 12.74
CA SER A 118 -17.50 1.55 13.98
C SER A 118 -17.10 2.87 14.66
N GLN A 119 -17.52 3.99 14.06
CA GLN A 119 -17.25 5.30 14.62
C GLN A 119 -18.49 5.81 15.34
N PRO A 120 -18.34 6.17 16.62
CA PRO A 120 -19.44 6.79 17.36
C PRO A 120 -20.08 7.93 16.58
N GLN A 121 -19.25 8.71 15.89
CA GLN A 121 -19.73 9.83 15.10
C GLN A 121 -20.78 9.43 14.06
N TYR A 122 -20.59 8.30 13.39
CA TYR A 122 -21.45 7.96 12.25
C TYR A 122 -22.21 6.63 12.41
N GLU A 123 -22.04 5.94 13.53
CA GLU A 123 -22.63 4.61 13.71
C GLU A 123 -24.17 4.58 13.58
N GLN A 124 -24.85 5.68 13.83
CA GLN A 124 -26.31 5.61 13.85
C GLN A 124 -26.83 5.13 12.51
N LEU A 125 -26.26 5.67 11.43
CA LEU A 125 -26.49 5.17 10.09
C LEU A 125 -26.37 3.63 10.12
N PHE A 146 -25.09 1.82 -11.74
CA PHE A 146 -25.20 0.50 -11.11
C PHE A 146 -23.84 -0.20 -11.15
N PHE A 147 -23.43 -0.76 -9.99
CA PHE A 147 -22.18 -1.51 -9.79
C PHE A 147 -22.40 -3.03 -9.88
N PHE A 148 -22.10 -3.59 -11.05
CA PHE A 148 -22.39 -4.99 -11.35
C PHE A 148 -22.09 -6.03 -10.26
N ALA A 149 -20.85 -6.07 -9.77
CA ALA A 149 -20.42 -7.16 -8.90
C ALA A 149 -21.20 -7.17 -7.57
N ALA A 150 -21.71 -6.02 -7.12
CA ALA A 150 -22.36 -5.94 -5.82
C ALA A 150 -23.22 -4.68 -5.77
N PRO A 151 -24.34 -4.70 -6.53
CA PRO A 151 -25.08 -3.45 -6.74
C PRO A 151 -25.60 -2.87 -5.44
N ASN A 152 -26.21 -3.69 -4.60
CA ASN A 152 -26.76 -3.22 -3.35
C ASN A 152 -25.70 -2.94 -2.28
N GLU A 153 -24.70 -3.79 -2.15
CA GLU A 153 -23.60 -3.50 -1.23
C GLU A 153 -23.02 -2.10 -1.53
N TYR A 154 -22.85 -1.79 -2.80
CA TYR A 154 -22.33 -0.50 -3.25
C TYR A 154 -23.34 0.64 -2.98
N ARG A 155 -24.58 0.44 -3.42
CA ARG A 155 -25.69 1.38 -3.14
C ARG A 155 -25.66 1.80 -1.68
N GLU A 156 -25.60 0.81 -0.79
CA GLU A 156 -25.58 1.05 0.66
C GLU A 156 -24.38 1.86 1.11
N CYS A 157 -23.20 1.44 0.68
CA CYS A 157 -21.95 2.18 0.96
C CYS A 157 -21.96 3.65 0.53
N ARG A 158 -22.34 3.87 -0.73
CA ARG A 158 -22.41 5.20 -1.31
C ARG A 158 -23.38 6.12 -0.56
N THR A 159 -24.48 5.53 -0.13
CA THR A 159 -25.52 6.22 0.62
C THR A 159 -25.07 6.57 2.04
N LEU A 160 -24.47 5.60 2.73
CA LEU A 160 -24.02 5.78 4.10
C LEU A 160 -22.90 6.83 4.15
N LEU A 161 -21.91 6.64 3.27
CA LEU A 161 -20.77 7.53 3.15
C LEU A 161 -21.14 8.96 2.77
N HIS A 162 -22.05 9.11 1.78
CA HIS A 162 -22.58 10.43 1.41
C HIS A 162 -23.45 11.06 2.51
N ALA A 163 -24.20 10.25 3.26
CA ALA A 163 -24.89 10.72 4.47
C ALA A 163 -23.90 11.19 5.56
N ALA A 164 -22.82 10.45 5.73
CA ALA A 164 -21.79 10.82 6.68
C ALA A 164 -21.19 12.15 6.28
N LEU A 165 -21.06 12.37 4.96
CA LEU A 165 -20.43 13.59 4.41
C LEU A 165 -21.27 14.87 4.63
N GLU A 166 -22.59 14.72 4.80
CA GLU A 166 -23.37 15.88 5.18
C GLU A 166 -23.46 16.08 6.68
N MET A 167 -23.20 15.03 7.45
CA MET A 167 -22.96 15.21 8.87
C MET A 167 -21.64 15.98 9.07
N ASN A 168 -20.62 15.56 8.33
CA ASN A 168 -19.25 16.07 8.44
C ASN A 168 -18.62 16.23 7.07
N PRO A 169 -18.85 17.39 6.43
CA PRO A 169 -18.30 17.73 5.11
C PRO A 169 -16.79 17.80 5.03
N ASN A 170 -16.13 17.95 6.17
CA ASN A 170 -14.71 18.10 6.20
C ASN A 170 -14.02 16.98 6.98
N ASP A 171 -14.62 15.80 7.03
CA ASP A 171 -13.87 14.61 7.50
C ASP A 171 -12.98 14.11 6.38
N ALA A 172 -11.67 14.33 6.52
CA ALA A 172 -10.72 14.00 5.47
C ALA A 172 -10.76 12.51 5.19
N GLN A 173 -10.90 11.70 6.23
CA GLN A 173 -11.01 10.24 6.07
C GLN A 173 -12.33 9.83 5.45
N LEU A 174 -13.40 10.62 5.63
CA LEU A 174 -14.63 10.35 4.83
C LEU A 174 -14.37 10.52 3.33
N HIS A 175 -13.63 11.57 2.96
CA HIS A 175 -13.26 11.76 1.56
C HIS A 175 -12.32 10.62 1.04
N ALA A 176 -11.34 10.25 1.85
CA ALA A 176 -10.50 9.09 1.53
C ALA A 176 -11.37 7.86 1.23
N SER A 177 -12.37 7.58 2.06
CA SER A 177 -13.27 6.43 1.85
C SER A 177 -14.16 6.49 0.60
N LEU A 178 -14.69 7.68 0.29
CA LEU A 178 -15.39 7.89 -1.00
C LEU A 178 -14.45 7.67 -2.20
N GLY A 179 -13.19 8.10 -2.03
CA GLY A 179 -12.15 7.84 -2.99
C GLY A 179 -11.93 6.35 -3.21
N VAL A 180 -11.87 5.58 -2.14
CA VAL A 180 -11.71 4.13 -2.28
C VAL A 180 -12.98 3.51 -2.91
N LEU A 181 -14.14 3.95 -2.45
CA LEU A 181 -15.42 3.50 -3.01
C LEU A 181 -15.47 3.70 -4.52
N TYR A 182 -15.04 4.87 -4.96
CA TYR A 182 -15.21 5.29 -6.34
C TYR A 182 -14.12 4.70 -7.23
N ASN A 183 -12.97 4.36 -6.63
CA ASN A 183 -11.96 3.53 -7.28
C ASN A 183 -12.46 2.16 -7.64
N LEU A 184 -13.13 1.52 -6.69
CA LEU A 184 -13.73 0.24 -6.88
C LEU A 184 -14.73 0.24 -8.05
N SER A 185 -15.50 1.33 -8.23
CA SER A 185 -16.45 1.43 -9.35
C SER A 185 -15.92 2.17 -10.60
N ASN A 186 -14.61 2.40 -10.65
CA ASN A 186 -13.94 3.08 -11.77
C ASN A 186 -14.48 4.49 -12.10
N ASN A 187 -15.01 5.20 -11.10
CA ASN A 187 -15.44 6.60 -11.22
C ASN A 187 -14.25 7.46 -10.74
N TYR A 188 -13.17 7.44 -11.51
CA TYR A 188 -11.90 7.99 -11.04
C TYR A 188 -11.91 9.51 -10.85
N ASP A 189 -12.71 10.17 -11.69
CA ASP A 189 -12.93 11.61 -11.64
C ASP A 189 -13.47 12.03 -10.27
N SER A 190 -14.47 11.31 -9.76
CA SER A 190 -15.15 11.65 -8.49
C SER A 190 -14.28 11.26 -7.29
N ALA A 191 -13.57 10.15 -7.44
CA ALA A 191 -12.59 9.69 -6.48
C ALA A 191 -11.47 10.70 -6.26
N ALA A 192 -10.90 11.19 -7.35
CA ALA A 192 -9.74 12.11 -7.31
C ALA A 192 -10.14 13.46 -6.70
N ALA A 193 -11.39 13.84 -6.92
CA ALA A 193 -11.97 15.06 -6.34
C ALA A 193 -12.03 14.96 -4.82
N ASN A 194 -12.54 13.84 -4.33
CA ASN A 194 -12.63 13.60 -2.90
C ASN A 194 -11.26 13.46 -2.29
N LEU A 195 -10.37 12.77 -3.00
CA LEU A 195 -9.02 12.56 -2.48
C LEU A 195 -8.22 13.87 -2.48
N ARG A 196 -8.57 14.75 -3.41
CA ARG A 196 -8.02 16.10 -3.50
C ARG A 196 -8.49 16.99 -2.33
N ARG A 197 -9.77 16.93 -1.97
CA ARG A 197 -10.26 17.60 -0.75
C ARG A 197 -9.56 17.04 0.48
N ALA A 198 -9.34 15.72 0.47
CA ALA A 198 -8.64 15.00 1.54
C ALA A 198 -7.18 15.46 1.81
N VAL A 199 -6.41 15.69 0.76
CA VAL A 199 -5.02 16.16 0.90
C VAL A 199 -4.94 17.65 1.21
N GLU A 200 -5.95 18.41 0.87
CA GLU A 200 -6.04 19.81 1.36
C GLU A 200 -6.23 19.87 2.88
N LEU A 201 -7.01 18.92 3.43
CA LEU A 201 -7.21 18.79 4.89
C LEU A 201 -5.99 18.16 5.59
N ARG A 202 -5.34 17.23 4.91
CA ARG A 202 -4.21 16.53 5.46
C ARG A 202 -3.06 16.41 4.46
N PRO A 203 -2.38 17.54 4.15
CA PRO A 203 -1.34 17.61 3.13
C PRO A 203 0.00 16.91 3.45
N ASP A 204 0.11 16.34 4.66
CA ASP A 204 1.30 15.62 5.10
CA ASP A 204 1.31 15.60 5.09
C ASP A 204 1.01 14.12 5.27
N ASP A 205 -0.08 13.65 4.67
CA ASP A 205 -0.46 12.28 4.77
C ASP A 205 -0.04 11.55 3.51
N ALA A 206 1.03 10.76 3.63
CA ALA A 206 1.62 10.10 2.49
C ALA A 206 0.64 9.10 1.85
N GLN A 207 -0.07 8.38 2.71
CA GLN A 207 -1.13 7.41 2.36
CA GLN A 207 -1.03 7.44 2.19
C GLN A 207 -2.14 8.08 1.41
N LEU A 208 -2.64 9.24 1.84
CA LEU A 208 -3.63 9.98 1.04
C LEU A 208 -3.09 10.46 -0.32
N TRP A 209 -1.81 10.86 -0.34
CA TRP A 209 -1.18 11.30 -1.59
C TRP A 209 -1.10 10.13 -2.58
N ASN A 210 -0.59 8.98 -2.13
CA ASN A 210 -0.58 7.75 -2.92
C ASN A 210 -1.94 7.43 -3.47
N LYS A 211 -2.98 7.48 -2.64
CA LYS A 211 -4.34 7.17 -3.08
C LYS A 211 -4.76 8.10 -4.20
N LEU A 212 -4.47 9.39 -4.06
CA LEU A 212 -4.82 10.37 -5.08
C LEU A 212 -4.01 10.02 -6.32
N GLY A 213 -2.76 9.59 -6.10
CA GLY A 213 -1.87 9.20 -7.16
C GLY A 213 -2.39 8.05 -7.98
N ALA A 214 -2.68 6.93 -7.32
CA ALA A 214 -3.28 5.73 -7.96
C ALA A 214 -4.60 6.03 -8.68
N THR A 215 -5.44 6.82 -8.04
CA THR A 215 -6.68 7.30 -8.66
C THR A 215 -6.37 7.98 -9.99
N LEU A 216 -5.48 8.97 -9.96
CA LEU A 216 -5.02 9.62 -11.18
C LEU A 216 -4.36 8.67 -12.19
N ALA A 217 -3.45 7.79 -11.78
CA ALA A 217 -2.86 6.84 -12.72
C ALA A 217 -3.98 6.02 -13.38
N ASN A 218 -4.80 5.38 -12.54
CA ASN A 218 -5.82 4.47 -13.04
C ASN A 218 -6.85 5.17 -13.93
N GLY A 219 -7.07 6.46 -13.68
CA GLY A 219 -7.92 7.29 -14.52
C GLY A 219 -7.18 7.94 -15.67
N ASN A 220 -6.07 7.33 -16.10
CA ASN A 220 -5.27 7.83 -17.24
C ASN A 220 -4.84 9.29 -17.16
N ARG A 221 -4.46 9.73 -15.96
CA ARG A 221 -3.87 11.05 -15.77
C ARG A 221 -2.50 10.85 -15.14
N PRO A 222 -1.59 10.15 -15.84
CA PRO A 222 -0.31 9.71 -15.29
C PRO A 222 0.67 10.81 -14.92
N GLN A 223 0.68 11.92 -15.64
CA GLN A 223 1.56 13.03 -15.24
C GLN A 223 1.08 13.63 -13.94
N GLU A 224 -0.21 13.88 -13.83
CA GLU A 224 -0.79 14.29 -12.55
C GLU A 224 -0.53 13.27 -11.43
N ALA A 225 -0.58 11.98 -11.76
CA ALA A 225 -0.32 10.89 -10.79
C ALA A 225 1.05 11.06 -10.13
N LEU A 226 2.06 11.27 -10.97
CA LEU A 226 3.45 11.43 -10.53
C LEU A 226 3.63 12.60 -9.60
N ASP A 227 2.94 13.71 -9.89
CA ASP A 227 2.95 14.82 -8.96
C ASP A 227 2.50 14.33 -7.57
N ALA A 228 1.34 13.67 -7.50
CA ALA A 228 0.85 13.07 -6.25
C ALA A 228 1.88 12.08 -5.62
N TYR A 229 2.33 11.13 -6.42
CA TYR A 229 3.33 10.19 -5.97
C TYR A 229 4.61 10.83 -5.46
N ASN A 230 5.04 11.90 -6.11
CA ASN A 230 6.17 12.69 -5.64
C ASN A 230 5.96 13.41 -4.32
N ARG A 231 4.75 13.92 -4.04
CA ARG A 231 4.46 14.40 -2.68
C ARG A 231 4.53 13.24 -1.68
N ALA A 232 3.98 12.09 -2.04
CA ALA A 232 3.97 10.93 -1.16
C ALA A 232 5.41 10.47 -0.78
N LEU A 233 6.33 10.46 -1.74
CA LEU A 233 7.73 10.05 -1.44
C LEU A 233 8.53 11.08 -0.64
N ASP A 234 8.19 12.36 -0.79
CA ASP A 234 8.81 13.44 -0.01
C ASP A 234 8.47 13.29 1.47
N ILE A 235 7.27 12.83 1.75
CA ILE A 235 6.87 12.55 3.12
C ILE A 235 7.50 11.24 3.59
N ASN A 236 7.46 10.21 2.77
CA ASN A 236 7.98 8.90 3.18
C ASN A 236 8.90 8.32 2.11
N PRO A 237 10.19 8.65 2.18
CA PRO A 237 11.16 8.14 1.19
C PRO A 237 11.36 6.62 1.15
N GLY A 238 10.80 5.88 2.12
CA GLY A 238 10.82 4.39 2.12
C GLY A 238 9.52 3.72 1.69
N TYR A 239 8.64 4.48 1.04
CA TYR A 239 7.30 4.03 0.73
C TYR A 239 7.31 3.24 -0.59
N VAL A 240 7.53 1.94 -0.45
CA VAL A 240 7.81 1.06 -1.60
C VAL A 240 6.62 0.96 -2.54
N ARG A 241 5.41 0.93 -1.99
CA ARG A 241 4.24 0.92 -2.84
C ARG A 241 4.29 2.12 -3.79
N VAL A 242 4.66 3.28 -3.29
CA VAL A 242 4.67 4.50 -4.13
C VAL A 242 5.72 4.44 -5.22
N MET A 243 6.91 3.94 -4.88
CA MET A 243 7.95 3.70 -5.86
C MET A 243 7.47 2.77 -6.98
N TYR A 244 6.79 1.66 -6.64
CA TYR A 244 6.23 0.73 -7.69
C TYR A 244 5.17 1.41 -8.56
N ASN A 245 4.23 2.08 -7.92
CA ASN A 245 3.26 2.90 -8.61
C ASN A 245 3.90 3.86 -9.61
N MET A 246 4.95 4.57 -9.20
CA MET A 246 5.64 5.51 -10.07
C MET A 246 6.22 4.79 -11.26
N ALA A 247 6.79 3.61 -11.03
CA ALA A 247 7.31 2.79 -12.10
C ALA A 247 6.19 2.36 -13.07
N VAL A 248 5.03 2.06 -12.53
CA VAL A 248 3.92 1.64 -13.36
C VAL A 248 3.55 2.76 -14.34
N SER A 249 3.40 3.97 -13.80
CA SER A 249 2.99 5.12 -14.60
C SER A 249 4.06 5.52 -15.63
N TYR A 250 5.34 5.54 -15.22
CA TYR A 250 6.40 5.88 -16.17
C TYR A 250 6.44 4.83 -17.30
N SER A 251 6.17 3.57 -16.97
CA SER A 251 6.05 2.52 -17.95
C SER A 251 4.83 2.69 -18.86
N ASN A 252 3.69 3.05 -18.30
CA ASN A 252 2.55 3.39 -19.15
C ASN A 252 2.93 4.49 -20.14
N MET A 253 3.61 5.53 -19.68
CA MET A 253 4.07 6.61 -20.58
C MET A 253 5.36 6.26 -21.37
N SER A 254 5.80 4.99 -21.34
CA SER A 254 7.01 4.51 -22.05
C SER A 254 8.28 5.29 -21.79
N GLN A 255 8.49 5.73 -20.55
CA GLN A 255 9.70 6.45 -20.13
C GLN A 255 10.46 5.48 -19.29
N TYR A 256 11.10 4.54 -19.96
CA TYR A 256 11.54 3.31 -19.30
C TYR A 256 12.75 3.54 -18.43
N ASP A 257 13.53 4.58 -18.73
CA ASP A 257 14.64 4.89 -17.87
C ASP A 257 14.11 5.37 -16.53
N LEU A 258 13.09 6.22 -16.55
CA LEU A 258 12.55 6.72 -15.30
C LEU A 258 11.90 5.60 -14.50
N ALA A 259 11.17 4.74 -15.20
CA ALA A 259 10.58 3.53 -14.63
C ALA A 259 11.65 2.63 -14.00
N ALA A 260 12.72 2.36 -14.75
CA ALA A 260 13.82 1.55 -14.27
C ALA A 260 14.33 2.08 -12.94
N LYS A 261 14.66 3.38 -12.91
CA LYS A 261 15.18 4.03 -11.72
C LYS A 261 14.30 3.77 -10.48
N GLN A 262 12.97 3.83 -10.65
CA GLN A 262 12.05 3.69 -9.51
C GLN A 262 11.92 2.27 -9.03
N LEU A 263 12.20 1.30 -9.91
CA LEU A 263 12.14 -0.13 -9.62
C LEU A 263 13.41 -0.65 -9.03
N VAL A 264 14.52 -0.03 -9.34
CA VAL A 264 15.73 -0.26 -8.58
C VAL A 264 15.51 0.17 -7.10
N ARG A 265 15.05 1.39 -6.90
CA ARG A 265 14.69 1.85 -5.57
C ARG A 265 13.68 0.89 -4.94
N ALA A 266 12.63 0.51 -5.68
CA ALA A 266 11.62 -0.40 -5.13
C ALA A 266 12.21 -1.74 -4.65
N ILE A 267 12.97 -2.41 -5.52
CA ILE A 267 13.53 -3.74 -5.21
C ILE A 267 14.46 -3.68 -4.03
N TYR A 268 15.32 -2.69 -4.04
CA TYR A 268 16.28 -2.44 -2.98
C TYR A 268 15.59 -2.20 -1.66
N MET A 269 14.61 -1.31 -1.66
CA MET A 269 13.95 -0.93 -0.43
C MET A 269 13.09 -2.07 0.10
N GLN A 270 12.45 -2.81 -0.77
CA GLN A 270 11.50 -3.75 -0.26
C GLN A 270 12.15 -4.96 0.40
N VAL A 271 13.41 -5.22 0.10
CA VAL A 271 14.13 -6.25 0.83
C VAL A 271 14.80 -5.73 2.13
N GLY A 272 15.69 -4.74 2.07
CA GLY A 272 16.59 -4.46 3.22
C GLY A 272 17.34 -5.71 3.72
N GLY A 273 16.64 -6.64 4.38
CA GLY A 273 17.22 -7.89 4.91
C GLY A 273 17.14 -9.08 3.95
N THR A 274 16.81 -10.27 4.46
CA THR A 274 16.86 -11.54 3.67
C THR A 274 15.70 -12.54 3.89
N THR A 275 15.11 -12.98 2.78
CA THR A 275 13.67 -13.24 2.69
C THR A 275 13.24 -14.54 1.99
N PRO A 276 13.14 -15.64 2.74
CA PRO A 276 12.34 -16.79 2.31
C PRO A 276 10.84 -16.54 2.49
N ALA A 280 6.12 -16.67 -1.03
CA ALA A 280 5.32 -15.50 -0.68
C ALA A 280 6.15 -14.22 -0.79
N SER A 281 7.35 -14.25 -0.22
CA SER A 281 8.22 -13.07 -0.18
C SER A 281 9.17 -13.11 -1.37
N ARG A 282 9.84 -14.25 -1.53
CA ARG A 282 10.52 -14.61 -2.76
C ARG A 282 9.68 -14.18 -3.95
N GLU A 283 8.40 -14.51 -3.94
CA GLU A 283 7.55 -14.30 -5.09
C GLU A 283 7.26 -12.80 -5.33
N ALA A 284 7.16 -12.00 -4.27
CA ALA A 284 6.99 -10.53 -4.38
C ALA A 284 8.26 -9.92 -4.97
N THR A 285 9.40 -10.34 -4.44
CA THR A 285 10.71 -9.87 -4.93
C THR A 285 10.94 -10.25 -6.38
N ARG A 286 10.76 -11.55 -6.69
CA ARG A 286 10.96 -12.08 -8.04
CA ARG A 286 11.02 -12.02 -8.04
C ARG A 286 10.00 -11.45 -9.05
N SER A 287 8.75 -11.26 -8.65
CA SER A 287 7.81 -10.60 -9.57
C SER A 287 8.23 -9.16 -9.88
N MET A 288 8.86 -8.48 -8.92
CA MET A 288 9.32 -7.13 -9.18
C MET A 288 10.57 -7.16 -10.06
N TRP A 289 11.47 -8.11 -9.80
CA TRP A 289 12.63 -8.32 -10.66
C TRP A 289 12.19 -8.62 -12.07
N ASP A 290 11.08 -9.34 -12.19
CA ASP A 290 10.61 -9.74 -13.52
C ASP A 290 10.05 -8.57 -14.32
N PHE A 291 9.27 -7.73 -13.64
CA PHE A 291 8.76 -6.49 -14.22
C PHE A 291 9.88 -5.56 -14.68
N PHE A 292 10.88 -5.35 -13.85
CA PHE A 292 12.04 -4.53 -14.20
C PHE A 292 12.82 -5.13 -15.35
N ARG A 293 13.04 -6.44 -15.27
CA ARG A 293 13.75 -7.20 -16.32
C ARG A 293 13.07 -7.06 -17.67
N MET A 294 11.76 -7.12 -17.65
CA MET A 294 10.97 -6.99 -18.87
C MET A 294 11.11 -5.60 -19.45
N LEU A 295 11.17 -4.59 -18.58
CA LEU A 295 11.46 -3.24 -19.01
C LEU A 295 12.84 -3.17 -19.64
N LEU A 296 13.82 -3.86 -19.06
CA LEU A 296 15.20 -3.85 -19.62
C LEU A 296 15.22 -4.47 -21.03
N ASN A 297 14.42 -5.50 -21.21
CA ASN A 297 14.21 -6.11 -22.52
C ASN A 297 13.56 -5.11 -23.49
N VAL A 298 12.49 -4.49 -23.03
CA VAL A 298 11.77 -3.53 -23.86
C VAL A 298 12.66 -2.37 -24.30
N MET A 299 13.53 -1.89 -23.41
CA MET A 299 14.45 -0.79 -23.76
C MET A 299 15.77 -1.17 -24.46
N ASN A 300 15.92 -2.45 -24.83
CA ASN A 300 17.06 -2.93 -25.65
C ASN A 300 18.38 -3.06 -24.90
N ARG A 301 18.33 -3.50 -23.64
CA ARG A 301 19.56 -3.75 -22.87
C ARG A 301 19.66 -5.22 -22.49
N PRO A 302 19.92 -6.09 -23.49
CA PRO A 302 20.05 -7.54 -23.29
C PRO A 302 21.05 -7.87 -22.21
N ASP A 303 22.14 -7.10 -22.19
CA ASP A 303 23.20 -7.23 -21.20
C ASP A 303 22.70 -7.05 -19.75
N LEU A 304 21.84 -6.04 -19.56
CA LEU A 304 21.25 -5.76 -18.26
C LEU A 304 20.15 -6.76 -17.95
N VAL A 305 19.44 -7.24 -18.97
CA VAL A 305 18.40 -8.26 -18.78
C VAL A 305 18.97 -9.52 -18.07
N GLU A 306 20.11 -10.03 -18.57
CA GLU A 306 20.76 -11.28 -18.02
C GLU A 306 21.24 -11.17 -16.57
N LEU A 307 21.74 -9.99 -16.23
CA LEU A 307 22.26 -9.70 -14.91
C LEU A 307 21.18 -9.64 -13.80
N THR A 308 19.90 -9.61 -14.19
CA THR A 308 18.78 -9.59 -13.20
C THR A 308 18.66 -10.92 -12.43
N TYR A 309 19.07 -11.99 -13.09
CA TYR A 309 18.89 -13.31 -12.56
C TYR A 309 19.74 -13.47 -11.33
N ALA A 310 20.95 -12.89 -11.34
CA ALA A 310 21.81 -12.78 -10.16
C ALA A 310 21.10 -12.24 -8.91
N GLN A 311 20.15 -11.34 -9.10
CA GLN A 311 19.36 -10.76 -8.01
C GLN A 311 20.08 -9.64 -7.21
N ASN A 312 21.19 -9.12 -7.74
CA ASN A 312 21.88 -8.00 -7.07
C ASN A 312 21.48 -6.62 -7.65
N VAL A 313 20.92 -5.76 -6.79
CA VAL A 313 20.34 -4.49 -7.24
C VAL A 313 21.38 -3.44 -7.53
N GLU A 314 22.44 -3.43 -6.72
CA GLU A 314 23.43 -2.35 -6.75
C GLU A 314 23.99 -2.03 -8.14
N PRO A 315 24.45 -3.04 -8.91
CA PRO A 315 24.88 -2.73 -10.31
C PRO A 315 23.86 -1.96 -11.15
N PHE A 316 22.56 -2.19 -10.88
CA PHE A 316 21.50 -1.44 -11.54
C PHE A 316 21.33 -0.02 -10.96
N ALA A 317 21.52 0.11 -9.65
CA ALA A 317 21.59 1.43 -9.00
C ALA A 317 22.64 2.29 -9.68
N LYS A 318 23.79 1.71 -10.03
CA LYS A 318 24.87 2.46 -10.65
C LYS A 318 24.58 2.80 -12.11
N GLU A 319 24.03 1.82 -12.81
CA GLU A 319 23.65 1.91 -14.22
C GLU A 319 22.47 2.88 -14.44
N PHE A 320 21.66 3.11 -13.42
CA PHE A 320 20.51 4.00 -13.54
C PHE A 320 20.63 5.29 -12.73
N GLY A 321 21.85 5.67 -12.42
CA GLY A 321 22.14 6.96 -11.83
C GLY A 321 21.78 7.11 -10.39
N LEU A 322 21.60 6.02 -9.64
CA LEU A 322 21.16 6.12 -8.25
C LEU A 322 22.33 6.17 -7.25
N GLN A 323 23.43 5.53 -7.57
CA GLN A 323 24.58 5.44 -6.68
C GLN A 323 25.84 5.65 -7.47
N SER A 324 26.95 5.90 -6.76
CA SER A 324 28.29 6.00 -7.37
C SER A 324 28.96 4.63 -7.56
N GLU B 3 -0.89 -0.40 -17.09
CA GLU B 3 -1.04 -1.30 -15.89
C GLU B 3 -1.71 -0.56 -14.73
N LEU B 4 -2.08 -1.34 -13.71
CA LEU B 4 -2.93 -0.86 -12.64
C LEU B 4 -2.19 -0.42 -11.38
N ALA B 5 -2.47 0.80 -10.92
CA ALA B 5 -1.85 1.36 -9.74
C ALA B 5 -2.59 0.93 -8.44
N LYS B 6 -1.85 0.93 -7.34
CA LYS B 6 -2.32 0.40 -6.07
C LYS B 6 -2.55 1.50 -5.06
N LEU B 7 -3.75 1.57 -4.48
CA LEU B 7 -4.08 2.57 -3.45
C LEU B 7 -3.39 2.23 -2.12
#